data_5GZS
#
_entry.id   5GZS
#
_cell.length_a   111.706
_cell.length_b   111.706
_cell.length_c   138.647
_cell.angle_alpha   90.00
_cell.angle_beta   90.00
_cell.angle_gamma   120.00
#
_symmetry.space_group_name_H-M   'P 63 2 2'
#
loop_
_entity.id
_entity.type
_entity.pdbx_description
1 polymer 'GGDEF family protein'
2 non-polymer ARGININE
3 water water
#
_entity_poly.entity_id   1
_entity_poly.type   'polypeptide(L)'
_entity_poly.pdbx_seq_one_letter_code
;ATSTTYKVATEADDVVTRVLFDSIAHHFNLEIEYVNYPSFNDILVAIETGNADFAANITYTDLRAQRFDFSRPTNIEYTY
LYSYGGLRLPELRLVGIPKGTTYGTLLKEHYPYIQQVEYEGHLEALTLLESGRVDGVVDAINQLKP(MSE)LLKGLDVQL
LNDQLPIQPVSIVTPKGKHSALLGKIEKYAHSAHVQRLLRESIQKYQLDIRKQALRQSVVESGLNVQRVLRVKLENNPQY
ALYQPDGSVRGISADVVFQACE(MSE)LLLKCELVSNGQETWES(MSE)FDDLQDKSIDILAPITVSQQRKNLAYFSESY
YHPQAILVKREHYKDDVYSNVSELVAERIGVIKDDFFEELLQQ(MSE)LPNKILFSYASQEEKVQALLNKEVDYIVLNRA
NFNLLLRESTE(MSE)LPIVEDT(MSE)IGSFYQYDIAIGFAKNPLGATLAPLFSRAIK(MSE)LNTEQIIHTY
;
_entity_poly.pdbx_strand_id   A
#
# COMPACT_ATOMS: atom_id res chain seq x y z
N SER A 3 -29.68 -39.94 0.52
CA SER A 3 -29.27 -38.67 -0.05
C SER A 3 -29.66 -37.50 0.84
N THR A 4 -28.91 -36.40 0.74
CA THR A 4 -29.17 -35.22 1.54
C THR A 4 -28.65 -33.97 0.86
N THR A 5 -28.39 -32.93 1.65
CA THR A 5 -27.89 -31.66 1.13
C THR A 5 -27.22 -30.84 2.22
N TYR A 6 -26.02 -30.35 1.96
CA TYR A 6 -25.27 -29.55 2.92
C TYR A 6 -25.49 -28.07 2.67
N LYS A 7 -26.00 -27.38 3.69
CA LYS A 7 -26.28 -25.96 3.56
C LYS A 7 -25.07 -25.14 3.97
N VAL A 8 -24.48 -24.42 3.03
CA VAL A 8 -23.35 -23.58 3.39
C VAL A 8 -23.72 -22.10 3.21
N ALA A 9 -23.36 -21.33 4.24
CA ALA A 9 -23.78 -19.94 4.38
C ALA A 9 -22.99 -18.99 3.52
N THR A 10 -23.65 -17.96 3.02
CA THR A 10 -22.97 -16.86 2.35
C THR A 10 -23.52 -15.47 2.64
N GLU A 11 -22.60 -14.50 2.70
CA GLU A 11 -22.97 -13.10 2.91
C GLU A 11 -22.47 -12.23 1.76
N ALA A 12 -23.40 -11.61 1.04
CA ALA A 12 -23.09 -10.76 -0.07
C ALA A 12 -22.33 -11.57 -1.11
N ASP A 13 -21.36 -10.97 -1.77
CA ASP A 13 -20.58 -11.62 -2.80
C ASP A 13 -19.50 -12.44 -2.16
N ASP A 14 -19.80 -13.68 -1.86
CA ASP A 14 -18.91 -14.51 -1.09
C ASP A 14 -18.12 -15.37 -2.03
N VAL A 15 -17.16 -14.76 -2.69
CA VAL A 15 -16.50 -15.40 -3.76
C VAL A 15 -15.61 -16.52 -3.26
N VAL A 16 -15.07 -16.39 -2.08
CA VAL A 16 -14.20 -17.45 -1.57
C VAL A 16 -15.01 -18.67 -1.13
N THR A 17 -16.25 -18.45 -0.70
CA THR A 17 -17.08 -19.57 -0.26
C THR A 17 -17.52 -20.38 -1.47
N ARG A 18 -17.87 -19.67 -2.53
CA ARG A 18 -18.19 -20.26 -3.81
C ARG A 18 -17.00 -21.02 -4.40
N VAL A 19 -15.84 -20.37 -4.49
CA VAL A 19 -14.67 -21.01 -5.12
C VAL A 19 -14.25 -22.24 -4.32
N LEU A 20 -14.19 -22.10 -3.00
CA LEU A 20 -13.77 -23.19 -2.17
C LEU A 20 -14.77 -24.34 -2.19
N PHE A 21 -16.06 -24.05 -2.02
CA PHE A 21 -17.03 -25.15 -1.88
C PHE A 21 -17.47 -25.78 -3.20
N ASP A 22 -17.47 -25.03 -4.30
CA ASP A 22 -17.51 -25.61 -5.62
C ASP A 22 -16.36 -26.60 -5.76
N SER A 23 -15.16 -26.20 -5.32
CA SER A 23 -14.03 -27.07 -5.55
C SER A 23 -14.20 -28.36 -4.72
N ILE A 24 -14.70 -28.22 -3.50
CA ILE A 24 -14.95 -29.33 -2.61
C ILE A 24 -16.13 -30.17 -3.06
N ALA A 25 -17.19 -29.48 -3.52
CA ALA A 25 -18.40 -30.18 -3.90
C ALA A 25 -18.02 -31.17 -4.97
N HIS A 26 -17.23 -30.71 -5.89
CA HIS A 26 -16.88 -31.48 -7.03
C HIS A 26 -15.90 -32.56 -6.68
N HIS A 27 -14.99 -32.27 -5.78
CA HIS A 27 -13.95 -33.24 -5.51
C HIS A 27 -14.50 -34.44 -4.75
N PHE A 28 -15.38 -34.18 -3.77
CA PHE A 28 -15.98 -35.24 -2.97
C PHE A 28 -17.37 -35.68 -3.46
N ASN A 29 -17.83 -35.15 -4.60
CA ASN A 29 -19.17 -35.45 -5.10
C ASN A 29 -20.24 -35.10 -4.06
N LEU A 30 -20.25 -33.85 -3.58
CA LEU A 30 -21.20 -33.43 -2.54
C LEU A 30 -22.25 -32.48 -3.10
N GLU A 31 -23.48 -32.61 -2.62
CA GLU A 31 -24.55 -31.71 -2.96
C GLU A 31 -24.46 -30.51 -2.06
N ILE A 32 -23.99 -29.41 -2.61
CA ILE A 32 -23.90 -28.19 -1.85
C ILE A 32 -25.12 -27.36 -2.16
N GLU A 33 -25.57 -26.60 -1.17
CA GLU A 33 -26.61 -25.60 -1.35
C GLU A 33 -26.24 -24.30 -0.66
N TYR A 34 -25.97 -23.26 -1.43
CA TYR A 34 -25.64 -21.99 -0.80
C TYR A 34 -26.89 -21.30 -0.23
N VAL A 35 -26.73 -20.68 0.92
CA VAL A 35 -27.80 -19.92 1.57
C VAL A 35 -27.36 -18.48 1.86
N ASN A 36 -27.95 -17.50 1.16
CA ASN A 36 -27.63 -16.09 1.43
C ASN A 36 -28.12 -15.67 2.81
N TYR A 37 -27.23 -15.10 3.61
CA TYR A 37 -27.61 -14.47 4.87
C TYR A 37 -27.35 -12.99 4.75
N PRO A 38 -28.32 -12.18 5.17
CA PRO A 38 -28.16 -10.72 4.99
C PRO A 38 -27.04 -10.11 5.86
N SER A 39 -26.57 -10.86 6.86
CA SER A 39 -25.51 -10.38 7.73
C SER A 39 -24.59 -11.49 8.24
N PHE A 40 -23.35 -11.13 8.51
CA PHE A 40 -22.36 -12.10 8.98
C PHE A 40 -22.73 -12.71 10.32
N ASN A 41 -23.41 -11.93 11.15
CA ASN A 41 -23.75 -12.46 12.45
C ASN A 41 -24.98 -13.36 12.35
N ASP A 42 -25.86 -13.07 11.38
CA ASP A 42 -26.89 -14.03 10.95
C ASP A 42 -26.26 -15.38 10.61
N ILE A 43 -25.14 -15.36 9.89
CA ILE A 43 -24.46 -16.59 9.49
C ILE A 43 -24.03 -17.35 10.75
N LEU A 44 -23.34 -16.67 11.67
CA LEU A 44 -22.87 -17.30 12.92
C LEU A 44 -23.99 -18.01 13.72
N VAL A 45 -25.14 -17.36 13.88
CA VAL A 45 -26.23 -17.99 14.63
C VAL A 45 -26.75 -19.22 13.89
N ALA A 46 -26.74 -19.15 12.56
CA ALA A 46 -27.20 -20.25 11.74
C ALA A 46 -26.35 -21.48 12.03
N ILE A 47 -25.05 -21.26 12.23
CA ILE A 47 -24.13 -22.36 12.44
C ILE A 47 -24.35 -23.05 13.79
N GLU A 48 -24.16 -22.33 14.90
CA GLU A 48 -24.27 -22.98 16.21
C GLU A 48 -25.64 -23.62 16.39
N THR A 49 -26.70 -22.86 16.09
CA THR A 49 -28.03 -23.44 15.89
C THR A 49 -28.02 -24.74 15.09
N GLY A 50 -27.85 -24.65 13.78
CA GLY A 50 -27.93 -25.81 12.93
C GLY A 50 -28.82 -25.60 11.71
N ASN A 51 -29.14 -24.35 11.40
CA ASN A 51 -29.90 -24.07 10.17
C ASN A 51 -29.00 -24.05 8.96
N ALA A 52 -27.71 -24.22 9.19
CA ALA A 52 -26.71 -24.24 8.14
C ALA A 52 -25.58 -25.20 8.55
N ASP A 53 -25.07 -25.96 7.59
CA ASP A 53 -24.12 -27.04 7.88
C ASP A 53 -22.68 -26.56 7.89
N PHE A 54 -22.39 -25.58 7.05
CA PHE A 54 -21.04 -25.06 6.90
C PHE A 54 -21.02 -23.57 6.70
N ALA A 55 -19.96 -22.94 7.16
CA ALA A 55 -19.69 -21.57 6.79
C ALA A 55 -18.17 -21.37 6.72
N ALA A 56 -17.74 -20.48 5.84
CA ALA A 56 -16.31 -20.19 5.70
C ALA A 56 -15.99 -18.80 6.24
N ASN A 57 -14.72 -18.43 6.11
CA ASN A 57 -14.26 -17.08 6.39
C ASN A 57 -14.50 -16.62 7.83
N ILE A 58 -14.65 -17.58 8.74
CA ILE A 58 -14.85 -17.32 10.16
C ILE A 58 -13.53 -17.32 10.92
N THR A 59 -13.18 -16.18 11.52
CA THR A 59 -11.98 -16.15 12.34
C THR A 59 -12.21 -16.94 13.65
N TYR A 60 -11.34 -17.90 13.90
CA TYR A 60 -11.41 -18.76 15.08
C TYR A 60 -11.12 -17.98 16.37
N THR A 61 -11.89 -18.23 17.43
CA THR A 61 -11.57 -17.69 18.75
C THR A 61 -11.88 -18.70 19.84
N ASP A 62 -11.31 -18.49 21.01
CA ASP A 62 -11.49 -19.41 22.14
C ASP A 62 -12.94 -19.45 22.60
N LEU A 63 -13.58 -18.29 22.70
CA LEU A 63 -15.02 -18.23 22.95
C LEU A 63 -15.80 -18.93 21.85
N ARG A 64 -15.48 -18.62 20.60
CA ARG A 64 -16.19 -19.17 19.46
C ARG A 64 -16.16 -20.71 19.38
N ALA A 65 -15.09 -21.33 19.84
CA ALA A 65 -14.92 -22.78 19.71
C ALA A 65 -15.80 -23.50 20.72
N GLN A 66 -16.57 -22.75 21.51
CA GLN A 66 -17.39 -23.33 22.57
C GLN A 66 -18.87 -23.17 22.25
N ARG A 67 -19.12 -22.73 21.02
CA ARG A 67 -20.45 -22.51 20.49
C ARG A 67 -20.68 -23.37 19.25
N PHE A 68 -19.61 -23.63 18.48
CA PHE A 68 -19.70 -24.48 17.30
C PHE A 68 -18.27 -24.92 16.98
N ASP A 69 -18.07 -25.90 16.10
CA ASP A 69 -16.72 -26.45 15.98
C ASP A 69 -15.95 -26.00 14.72
N PHE A 70 -14.66 -25.76 14.90
CA PHE A 70 -13.82 -25.17 13.86
C PHE A 70 -12.95 -26.19 13.15
N SER A 71 -12.73 -25.96 11.86
CA SER A 71 -11.60 -26.55 11.17
C SER A 71 -10.41 -25.68 11.45
N ARG A 72 -9.23 -26.17 11.08
CA ARG A 72 -8.03 -25.37 11.14
C ARG A 72 -8.09 -24.36 9.99
N PRO A 73 -7.37 -23.23 10.12
CA PRO A 73 -7.51 -22.16 9.12
C PRO A 73 -7.23 -22.68 7.72
N THR A 74 -8.02 -22.24 6.74
CA THR A 74 -7.96 -22.83 5.40
C THR A 74 -7.47 -21.82 4.40
N ASN A 75 -7.53 -20.54 4.78
CA ASN A 75 -7.22 -19.43 3.84
C ASN A 75 -7.18 -18.06 4.51
N ILE A 76 -6.62 -17.08 3.80
CA ILE A 76 -6.69 -15.70 4.25
C ILE A 76 -8.05 -15.11 3.88
N GLU A 77 -8.28 -13.88 4.32
CA GLU A 77 -9.50 -13.17 4.00
C GLU A 77 -9.15 -11.73 3.63
N TYR A 78 -9.41 -11.35 2.38
CA TYR A 78 -9.13 -9.98 1.96
C TYR A 78 -10.02 -9.02 2.75
N THR A 79 -9.39 -7.99 3.32
CA THR A 79 -10.07 -7.10 4.25
C THR A 79 -9.79 -5.65 3.90
N TYR A 80 -10.85 -4.86 3.80
CA TYR A 80 -10.74 -3.52 3.22
C TYR A 80 -11.33 -2.44 4.13
N LEU A 81 -10.70 -1.26 4.05
CA LEU A 81 -11.34 -0.02 4.49
C LEU A 81 -12.13 0.53 3.31
N TYR A 82 -13.45 0.56 3.42
CA TYR A 82 -14.26 1.20 2.40
C TYR A 82 -14.51 2.68 2.74
N SER A 83 -14.29 3.56 1.78
CA SER A 83 -14.42 4.97 2.08
C SER A 83 -14.55 5.79 0.83
N TYR A 84 -15.32 6.86 0.95
CA TYR A 84 -15.48 7.82 -0.11
C TYR A 84 -14.16 8.55 -0.19
N GLY A 85 -13.44 8.39 -1.29
CA GLY A 85 -12.15 9.03 -1.46
C GLY A 85 -10.92 8.15 -1.24
N GLY A 86 -11.07 7.09 -0.44
CA GLY A 86 -9.98 6.18 -0.21
C GLY A 86 -9.07 6.63 0.93
N LEU A 87 -9.65 6.74 2.12
CA LEU A 87 -8.88 7.22 3.26
C LEU A 87 -8.00 6.13 3.84
N ARG A 88 -7.23 6.45 4.86
CA ARG A 88 -6.55 5.42 5.62
C ARG A 88 -7.14 5.36 7.03
N LEU A 89 -6.94 4.22 7.69
CA LEU A 89 -7.30 4.09 9.11
C LEU A 89 -6.87 5.30 9.94
N PRO A 90 -5.58 5.66 9.91
CA PRO A 90 -5.25 6.77 10.83
C PRO A 90 -5.83 8.12 10.39
N GLU A 91 -6.87 8.12 9.56
CA GLU A 91 -7.52 9.36 9.14
C GLU A 91 -8.97 9.41 9.57
N LEU A 92 -9.40 8.49 10.42
CA LEU A 92 -10.83 8.42 10.73
C LEU A 92 -11.07 8.59 12.22
N ARG A 93 -12.22 9.16 12.56
CA ARG A 93 -12.63 9.28 13.95
C ARG A 93 -13.85 8.38 14.18
N LEU A 94 -14.58 8.11 13.10
CA LEU A 94 -15.67 7.13 13.09
C LEU A 94 -15.38 6.05 12.09
N VAL A 95 -15.63 4.80 12.47
CA VAL A 95 -15.53 3.65 11.58
C VAL A 95 -16.71 2.71 11.79
N GLY A 96 -17.29 2.25 10.69
CA GLY A 96 -18.37 1.27 10.76
C GLY A 96 -17.77 -0.11 10.92
N ILE A 97 -18.42 -0.93 11.74
CA ILE A 97 -17.88 -2.24 12.06
C ILE A 97 -18.98 -3.28 11.98
N PRO A 98 -18.75 -4.33 11.16
CA PRO A 98 -19.70 -5.44 11.05
C PRO A 98 -19.84 -6.11 12.41
N LYS A 99 -21.05 -6.40 12.81
CA LYS A 99 -21.28 -6.90 14.15
C LYS A 99 -21.00 -8.40 14.17
N GLY A 100 -20.43 -8.88 15.27
CA GLY A 100 -20.04 -10.28 15.39
C GLY A 100 -18.64 -10.59 14.87
N THR A 101 -18.02 -9.62 14.21
CA THR A 101 -16.74 -9.90 13.59
C THR A 101 -15.59 -9.69 14.53
N THR A 102 -14.44 -10.16 14.10
CA THR A 102 -13.20 -10.01 14.80
C THR A 102 -12.69 -8.56 14.70
N TYR A 103 -13.32 -7.78 13.82
CA TYR A 103 -12.86 -6.43 13.50
C TYR A 103 -13.02 -5.40 14.62
N GLY A 104 -13.94 -5.67 15.54
CA GLY A 104 -14.12 -4.80 16.71
C GLY A 104 -12.82 -4.73 17.48
N THR A 105 -12.34 -5.91 17.87
CA THR A 105 -11.08 -6.07 18.61
C THR A 105 -9.82 -5.60 17.87
N LEU A 106 -9.81 -5.79 16.57
CA LEU A 106 -8.62 -5.45 15.79
C LEU A 106 -8.42 -3.94 15.73
N LEU A 107 -9.50 -3.19 15.60
CA LEU A 107 -9.35 -1.76 15.38
C LEU A 107 -9.10 -0.99 16.66
N LYS A 108 -9.67 -1.47 17.77
CA LYS A 108 -9.44 -0.87 19.07
C LYS A 108 -8.04 -1.19 19.57
N GLU A 109 -7.52 -2.34 19.15
CA GLU A 109 -6.18 -2.74 19.55
C GLU A 109 -5.13 -1.93 18.76
N HIS A 110 -5.44 -1.59 17.52
CA HIS A 110 -4.49 -0.82 16.69
C HIS A 110 -4.85 0.67 16.56
N TYR A 111 -6.11 1.04 16.79
CA TYR A 111 -6.50 2.45 16.69
C TYR A 111 -7.59 2.83 17.67
N PRO A 112 -7.31 2.74 18.98
CA PRO A 112 -8.36 2.82 19.99
C PRO A 112 -9.17 4.12 20.00
N TYR A 113 -8.66 5.17 19.37
CA TYR A 113 -9.27 6.51 19.45
C TYR A 113 -10.47 6.64 18.54
N ILE A 114 -10.35 6.09 17.34
CA ILE A 114 -11.52 5.97 16.47
C ILE A 114 -12.65 5.34 17.25
N GLN A 115 -13.89 5.77 17.04
CA GLN A 115 -14.91 4.97 17.67
C GLN A 115 -15.72 4.26 16.61
N GLN A 116 -16.07 3.04 16.98
CA GLN A 116 -16.74 2.09 16.12
C GLN A 116 -18.25 2.27 16.22
N VAL A 117 -18.95 2.05 15.11
CA VAL A 117 -20.42 2.06 15.10
C VAL A 117 -20.89 0.82 14.36
N GLU A 118 -21.56 -0.07 15.10
CA GLU A 118 -21.93 -1.38 14.61
C GLU A 118 -23.07 -1.33 13.60
N TYR A 119 -23.05 -2.24 12.65
CA TYR A 119 -24.10 -2.34 11.65
C TYR A 119 -24.43 -3.79 11.32
N GLU A 120 -25.49 -3.99 10.55
CA GLU A 120 -25.86 -5.32 10.07
C GLU A 120 -26.10 -5.38 8.58
N GLY A 121 -25.17 -6.00 7.86
CA GLY A 121 -25.32 -6.26 6.43
C GLY A 121 -24.90 -5.08 5.57
N HIS A 122 -24.97 -5.26 4.25
CA HIS A 122 -24.39 -4.34 3.26
C HIS A 122 -25.19 -3.05 3.14
N LEU A 123 -26.51 -3.13 3.31
CA LEU A 123 -27.38 -1.96 3.16
C LEU A 123 -27.19 -1.00 4.31
N GLU A 124 -27.05 -1.58 5.51
CA GLU A 124 -26.82 -0.85 6.75
C GLU A 124 -25.45 -0.20 6.69
N ALA A 125 -24.48 -0.98 6.23
CA ALA A 125 -23.14 -0.48 6.06
C ALA A 125 -23.21 0.65 5.05
N LEU A 126 -23.95 0.40 3.97
CA LEU A 126 -24.02 1.35 2.86
C LEU A 126 -24.69 2.69 3.19
N THR A 127 -25.73 2.65 4.01
CA THR A 127 -26.38 3.87 4.44
C THR A 127 -25.48 4.62 5.41
N LEU A 128 -24.82 3.92 6.32
CA LEU A 128 -23.84 4.56 7.22
C LEU A 128 -22.82 5.31 6.38
N LEU A 129 -22.32 4.66 5.35
CA LEU A 129 -21.39 5.35 4.51
C LEU A 129 -22.21 6.24 3.65
N GLU A 130 -23.09 5.65 2.88
CA GLU A 130 -23.85 6.47 1.97
C GLU A 130 -24.39 7.59 2.82
N SER A 131 -23.80 8.75 2.61
CA SER A 131 -24.23 9.98 3.25
C SER A 131 -24.64 9.74 4.70
N GLY A 132 -23.67 9.71 5.59
CA GLY A 132 -23.92 9.49 7.01
C GLY A 132 -22.85 10.07 7.89
N ARG A 133 -22.74 9.55 9.11
CA ARG A 133 -21.75 10.03 10.07
C ARG A 133 -20.47 9.20 9.98
N VAL A 134 -20.60 7.95 9.56
CA VAL A 134 -19.46 7.06 9.44
C VAL A 134 -18.47 7.58 8.40
N ASP A 135 -17.19 7.54 8.75
CA ASP A 135 -16.15 8.00 7.87
C ASP A 135 -15.71 6.92 6.95
N GLY A 136 -15.84 5.71 7.43
CA GLY A 136 -15.38 4.53 6.71
C GLY A 136 -15.76 3.21 7.38
N VAL A 137 -15.92 2.19 6.55
CA VAL A 137 -16.32 0.89 7.04
C VAL A 137 -15.19 -0.13 6.81
N VAL A 138 -14.93 -0.95 7.83
CA VAL A 138 -13.98 -2.03 7.67
C VAL A 138 -14.74 -3.34 7.47
N ASP A 139 -14.57 -3.96 6.30
CA ASP A 139 -15.25 -5.23 6.04
C ASP A 139 -14.55 -6.11 5.01
N ALA A 140 -15.03 -7.33 4.88
CA ALA A 140 -14.37 -8.34 4.03
C ALA A 140 -14.66 -8.19 2.55
N ILE A 141 -14.05 -9.06 1.75
CA ILE A 141 -14.19 -9.09 0.30
C ILE A 141 -15.65 -9.23 -0.13
N ASN A 142 -16.48 -9.83 0.72
CA ASN A 142 -17.93 -9.91 0.47
C ASN A 142 -18.57 -8.58 0.05
N GLN A 143 -18.03 -7.50 0.57
CA GLN A 143 -18.60 -6.19 0.30
C GLN A 143 -17.97 -5.49 -0.90
N LEU A 144 -16.86 -6.02 -1.41
CA LEU A 144 -16.07 -5.30 -2.40
C LEU A 144 -16.85 -4.93 -3.66
N LYS A 145 -17.40 -5.93 -4.34
CA LYS A 145 -18.10 -5.70 -5.60
C LYS A 145 -19.33 -4.77 -5.39
N PRO A 146 -20.23 -5.08 -4.42
CA PRO A 146 -21.35 -4.14 -4.28
C PRO A 146 -20.93 -2.76 -3.82
N MSE A 147 -19.91 -2.68 -2.96
CA MSE A 147 -19.47 -1.39 -2.44
C MSE A 147 -18.83 -0.51 -3.53
O MSE A 147 -19.17 0.65 -3.64
CB MSE A 147 -18.49 -1.59 -1.28
CG MSE A 147 -18.52 -0.50 -0.23
SE MSE A 147 -20.23 -0.35 0.66
CE MSE A 147 -19.77 -0.96 2.46
N LEU A 148 -17.94 -1.06 -4.34
CA LEU A 148 -17.30 -0.26 -5.38
C LEU A 148 -18.28 0.15 -6.47
N LEU A 149 -19.38 -0.60 -6.61
CA LEU A 149 -20.49 -0.19 -7.47
C LEU A 149 -21.05 1.15 -7.02
N LYS A 150 -21.26 1.29 -5.72
CA LYS A 150 -21.83 2.50 -5.12
C LYS A 150 -20.83 3.65 -5.08
N GLY A 151 -19.77 3.54 -5.88
CA GLY A 151 -18.76 4.57 -5.98
C GLY A 151 -17.79 4.69 -4.82
N LEU A 152 -17.61 3.63 -4.03
CA LEU A 152 -16.68 3.66 -2.92
C LEU A 152 -15.28 3.21 -3.33
N ASP A 153 -14.28 3.66 -2.57
CA ASP A 153 -12.91 3.20 -2.79
C ASP A 153 -12.49 2.29 -1.65
N VAL A 154 -11.43 1.52 -1.88
CA VAL A 154 -10.91 0.66 -0.84
C VAL A 154 -9.44 0.89 -0.60
N GLN A 155 -9.02 0.57 0.62
CA GLN A 155 -7.63 0.34 0.95
C GLN A 155 -7.54 -1.10 1.53
N LEU A 156 -6.79 -1.98 0.86
CA LEU A 156 -6.56 -3.32 1.35
C LEU A 156 -5.84 -3.25 2.68
N LEU A 157 -6.44 -3.81 3.72
CA LEU A 157 -5.85 -3.70 5.04
C LEU A 157 -4.92 -4.85 5.37
N ASN A 158 -4.82 -5.88 4.52
CA ASN A 158 -4.13 -7.12 4.92
C ASN A 158 -2.63 -6.96 5.06
N ASP A 159 -2.07 -6.02 4.33
CA ASP A 159 -0.65 -5.75 4.45
C ASP A 159 -0.41 -4.51 5.31
N GLN A 160 -1.43 -4.11 6.07
CA GLN A 160 -1.42 -2.92 6.90
C GLN A 160 -1.55 -3.30 8.37
N LEU A 161 -2.24 -4.41 8.59
CA LEU A 161 -2.58 -4.86 9.92
C LEU A 161 -2.45 -6.36 9.94
N PRO A 162 -2.15 -6.91 11.12
CA PRO A 162 -2.12 -8.37 11.19
C PRO A 162 -3.53 -8.94 11.10
N ILE A 163 -3.98 -9.28 9.88
CA ILE A 163 -5.29 -9.90 9.68
C ILE A 163 -5.19 -11.40 9.83
N GLN A 164 -5.80 -11.93 10.89
CA GLN A 164 -5.69 -13.34 11.20
C GLN A 164 -6.21 -14.20 10.07
N PRO A 165 -5.56 -15.34 9.82
CA PRO A 165 -6.16 -16.32 8.89
C PRO A 165 -7.57 -16.73 9.32
N VAL A 166 -8.20 -17.55 8.49
CA VAL A 166 -9.64 -17.73 8.56
C VAL A 166 -9.99 -19.21 8.36
N SER A 167 -11.12 -19.69 8.88
CA SER A 167 -11.39 -21.11 8.76
C SER A 167 -12.84 -21.49 8.50
N ILE A 168 -13.05 -22.76 8.18
CA ILE A 168 -14.37 -23.31 7.91
C ILE A 168 -14.97 -23.73 9.23
N VAL A 169 -16.28 -23.53 9.41
CA VAL A 169 -16.86 -23.87 10.70
C VAL A 169 -18.16 -24.67 10.56
N THR A 170 -18.59 -25.32 11.65
CA THR A 170 -19.65 -26.34 11.62
C THR A 170 -20.41 -26.39 12.91
N PRO A 171 -21.72 -26.74 12.87
CA PRO A 171 -22.42 -26.96 14.13
C PRO A 171 -21.64 -27.94 15.00
N LYS A 172 -21.59 -27.66 16.30
CA LYS A 172 -20.65 -28.33 17.19
C LYS A 172 -20.93 -29.82 17.23
N GLY A 173 -19.87 -30.61 17.09
CA GLY A 173 -19.97 -32.06 17.17
C GLY A 173 -20.78 -32.69 16.06
N LYS A 174 -21.03 -31.94 15.00
CA LYS A 174 -21.87 -32.38 13.90
C LYS A 174 -21.10 -33.08 12.78
N HIS A 175 -20.65 -32.32 11.79
CA HIS A 175 -20.04 -32.92 10.58
C HIS A 175 -18.57 -33.28 10.74
N SER A 176 -18.22 -33.74 11.94
CA SER A 176 -16.83 -34.01 12.33
C SER A 176 -15.95 -34.69 11.26
N ALA A 177 -16.41 -35.79 10.71
CA ALA A 177 -15.57 -36.55 9.80
C ALA A 177 -15.41 -35.78 8.50
N LEU A 178 -16.52 -35.22 8.02
CA LEU A 178 -16.54 -34.50 6.74
C LEU A 178 -15.69 -33.23 6.81
N LEU A 179 -15.71 -32.58 7.97
CA LEU A 179 -14.93 -31.35 8.14
C LEU A 179 -13.44 -31.65 8.07
N GLY A 180 -13.04 -32.81 8.57
CA GLY A 180 -11.66 -33.26 8.49
C GLY A 180 -11.19 -33.42 7.06
N LYS A 181 -11.95 -34.19 6.27
CA LYS A 181 -11.65 -34.40 4.86
C LYS A 181 -11.62 -33.09 4.11
N ILE A 182 -12.54 -32.18 4.45
CA ILE A 182 -12.58 -30.86 3.79
C ILE A 182 -11.33 -30.07 4.12
N GLU A 183 -10.96 -30.11 5.40
CA GLU A 183 -9.74 -29.46 5.86
C GLU A 183 -8.52 -29.96 5.11
N LYS A 184 -8.35 -31.28 5.04
CA LYS A 184 -7.14 -31.85 4.43
C LYS A 184 -7.07 -31.56 2.94
N TYR A 185 -8.23 -31.49 2.29
CA TYR A 185 -8.28 -31.23 0.85
C TYR A 185 -7.90 -29.78 0.56
N ALA A 186 -8.34 -28.88 1.44
CA ALA A 186 -8.16 -27.44 1.27
C ALA A 186 -6.70 -27.05 1.36
N HIS A 187 -5.95 -27.84 2.12
CA HIS A 187 -4.54 -27.54 2.35
C HIS A 187 -3.67 -28.10 1.26
N SER A 188 -4.29 -28.83 0.33
CA SER A 188 -3.55 -29.46 -0.75
C SER A 188 -2.86 -28.40 -1.60
N ALA A 189 -1.71 -28.75 -2.17
CA ALA A 189 -0.96 -27.83 -3.01
C ALA A 189 -1.89 -27.21 -4.03
N HIS A 190 -2.80 -28.02 -4.55
CA HIS A 190 -3.62 -27.58 -5.68
C HIS A 190 -4.56 -26.48 -5.22
N VAL A 191 -5.36 -26.77 -4.20
CA VAL A 191 -6.46 -25.90 -3.82
C VAL A 191 -5.93 -24.60 -3.25
N GLN A 192 -4.89 -24.71 -2.44
CA GLN A 192 -4.18 -23.55 -1.93
C GLN A 192 -3.70 -22.67 -3.09
N ARG A 193 -3.08 -23.25 -4.10
CA ARG A 193 -2.61 -22.43 -5.21
C ARG A 193 -3.78 -21.76 -5.95
N LEU A 194 -4.90 -22.46 -5.95
CA LEU A 194 -6.10 -21.96 -6.58
C LEU A 194 -6.72 -20.79 -5.79
N LEU A 195 -6.63 -20.86 -4.47
CA LEU A 195 -7.24 -19.83 -3.63
C LEU A 195 -6.40 -18.56 -3.62
N ARG A 196 -5.08 -18.74 -3.70
CA ARG A 196 -4.18 -17.61 -3.76
C ARG A 196 -4.45 -16.81 -5.00
N GLU A 197 -4.40 -17.48 -6.13
CA GLU A 197 -4.39 -16.73 -7.37
C GLU A 197 -5.77 -16.32 -7.80
N SER A 198 -6.77 -17.18 -7.66
CA SER A 198 -8.04 -16.80 -8.30
C SER A 198 -8.70 -15.68 -7.53
N ILE A 199 -8.61 -15.71 -6.20
CA ILE A 199 -9.19 -14.66 -5.39
C ILE A 199 -8.46 -13.34 -5.59
N GLN A 200 -7.13 -13.40 -5.64
CA GLN A 200 -6.34 -12.18 -5.89
C GLN A 200 -6.73 -11.56 -7.23
N LYS A 201 -6.80 -12.41 -8.25
CA LYS A 201 -7.20 -12.01 -9.58
C LYS A 201 -8.59 -11.42 -9.53
N TYR A 202 -9.44 -12.04 -8.72
CA TYR A 202 -10.85 -11.67 -8.70
C TYR A 202 -10.97 -10.28 -8.15
N GLN A 203 -10.36 -10.00 -6.99
CA GLN A 203 -10.57 -8.68 -6.37
C GLN A 203 -9.73 -7.59 -7.03
N LEU A 204 -8.56 -7.93 -7.56
CA LEU A 204 -7.76 -6.90 -8.21
C LEU A 204 -8.52 -6.41 -9.46
N ASP A 205 -9.22 -7.31 -10.14
CA ASP A 205 -10.00 -6.95 -11.31
C ASP A 205 -11.15 -5.98 -11.00
N ILE A 206 -11.89 -6.22 -9.93
CA ILE A 206 -12.93 -5.29 -9.48
C ILE A 206 -12.36 -3.93 -9.18
N ARG A 207 -11.22 -3.92 -8.48
CA ARG A 207 -10.57 -2.64 -8.16
C ARG A 207 -9.99 -1.94 -9.40
N LYS A 208 -9.46 -2.67 -10.36
CA LYS A 208 -9.03 -2.06 -11.61
C LYS A 208 -10.19 -1.41 -12.37
N GLN A 209 -11.31 -2.13 -12.42
CA GLN A 209 -12.48 -1.69 -13.18
C GLN A 209 -13.00 -0.38 -12.62
N ALA A 210 -13.04 -0.29 -11.30
CA ALA A 210 -13.51 0.95 -10.63
C ALA A 210 -12.54 2.06 -11.01
N LEU A 211 -11.24 1.78 -10.89
CA LEU A 211 -10.21 2.73 -11.20
C LEU A 211 -10.29 3.15 -12.67
N ARG A 212 -10.41 2.18 -13.56
CA ARG A 212 -10.45 2.53 -14.97
C ARG A 212 -11.70 3.33 -15.32
N GLN A 213 -12.79 3.08 -14.61
CA GLN A 213 -13.99 3.86 -14.86
C GLN A 213 -13.75 5.30 -14.47
N SER A 214 -12.84 5.50 -13.53
CA SER A 214 -12.54 6.85 -13.09
C SER A 214 -11.76 7.60 -14.15
N VAL A 215 -10.89 6.86 -14.84
CA VAL A 215 -10.11 7.43 -15.94
C VAL A 215 -11.06 7.95 -17.00
N VAL A 216 -11.97 7.08 -17.42
CA VAL A 216 -13.01 7.40 -18.41
C VAL A 216 -13.85 8.59 -17.94
N GLU A 217 -14.34 8.52 -16.70
CA GLU A 217 -15.08 9.67 -16.14
C GLU A 217 -14.26 10.95 -16.10
N SER A 218 -12.93 10.84 -16.13
CA SER A 218 -12.10 12.04 -16.04
C SER A 218 -12.11 12.72 -17.39
N GLY A 219 -12.33 11.93 -18.43
CA GLY A 219 -12.46 12.52 -19.74
C GLY A 219 -11.13 12.92 -20.32
N LEU A 220 -10.07 12.30 -19.82
CA LEU A 220 -8.76 12.60 -20.38
C LEU A 220 -8.58 11.73 -21.62
N ASN A 221 -7.74 12.19 -22.53
CA ASN A 221 -7.51 11.52 -23.79
C ASN A 221 -6.51 10.37 -23.66
N VAL A 222 -7.00 9.16 -23.40
CA VAL A 222 -6.13 7.99 -23.29
C VAL A 222 -5.34 7.63 -24.57
N GLN A 223 -5.58 8.33 -25.69
CA GLN A 223 -4.77 8.10 -26.88
C GLN A 223 -3.50 8.94 -26.80
N ARG A 224 -3.45 9.85 -25.84
CA ARG A 224 -2.27 10.69 -25.73
C ARG A 224 -1.10 9.94 -25.08
N VAL A 225 0.05 9.96 -25.74
CA VAL A 225 1.24 9.31 -25.19
C VAL A 225 1.94 10.21 -24.16
N LEU A 226 1.79 9.88 -22.88
CA LEU A 226 2.43 10.64 -21.82
C LEU A 226 3.94 10.55 -21.88
N ARG A 227 4.62 11.70 -21.91
CA ARG A 227 6.09 11.69 -21.87
C ARG A 227 6.64 11.75 -20.44
N VAL A 228 7.52 10.76 -20.11
CA VAL A 228 8.04 10.55 -18.77
C VAL A 228 9.56 10.74 -18.78
N LYS A 229 10.11 11.37 -17.75
CA LYS A 229 11.56 11.39 -17.58
C LYS A 229 11.96 10.84 -16.22
N LEU A 230 13.07 10.12 -16.19
CA LEU A 230 13.58 9.62 -14.92
C LEU A 230 14.86 10.34 -14.54
N GLU A 231 14.89 10.83 -13.31
CA GLU A 231 16.05 11.55 -12.81
C GLU A 231 17.29 10.65 -12.86
N ASN A 232 18.37 11.15 -13.46
CA ASN A 232 19.61 10.39 -13.52
C ASN A 232 20.81 11.24 -13.10
N ASN A 233 20.54 12.20 -12.22
CA ASN A 233 21.58 12.95 -11.52
C ASN A 233 21.58 12.47 -10.06
N PRO A 234 22.71 11.87 -9.60
CA PRO A 234 22.82 11.29 -8.24
C PRO A 234 22.21 12.18 -7.13
N GLN A 235 21.13 11.69 -6.53
CA GLN A 235 20.23 12.51 -5.73
C GLN A 235 19.40 11.69 -4.70
N TYR A 236 18.64 10.69 -5.17
CA TYR A 236 17.82 9.89 -4.24
C TYR A 236 17.45 8.44 -4.64
N ALA A 237 16.84 8.24 -5.80
CA ALA A 237 16.56 6.88 -6.29
C ALA A 237 16.48 6.84 -7.83
N LEU A 238 15.95 5.74 -8.39
CA LEU A 238 15.82 5.59 -9.86
C LEU A 238 15.17 4.25 -10.23
N ARG A 246 16.95 1.37 -14.76
CA ARG A 246 15.51 1.07 -14.84
C ARG A 246 15.01 0.30 -13.58
N GLY A 247 14.83 1.01 -12.46
CA GLY A 247 14.55 0.37 -11.18
C GLY A 247 13.27 0.77 -10.45
N ILE A 248 13.38 1.20 -9.20
CA ILE A 248 12.20 1.43 -8.37
C ILE A 248 11.23 2.39 -9.02
N SER A 249 11.70 3.58 -9.33
CA SER A 249 10.82 4.60 -9.88
C SER A 249 10.21 4.19 -11.21
N ALA A 250 10.95 3.47 -12.04
CA ALA A 250 10.45 3.15 -13.37
C ALA A 250 9.32 2.15 -13.30
N ASP A 251 9.50 1.14 -12.45
CA ASP A 251 8.48 0.13 -12.21
C ASP A 251 7.22 0.77 -11.64
N VAL A 252 7.35 1.66 -10.67
CA VAL A 252 6.16 2.23 -10.07
C VAL A 252 5.41 3.06 -11.10
N VAL A 253 6.15 3.82 -11.91
CA VAL A 253 5.51 4.72 -12.85
C VAL A 253 4.84 3.92 -13.96
N PHE A 254 5.63 3.06 -14.62
CA PHE A 254 5.15 2.24 -15.72
C PHE A 254 3.98 1.33 -15.34
N GLN A 255 4.10 0.61 -14.23
CA GLN A 255 3.03 -0.30 -13.81
C GLN A 255 1.78 0.46 -13.35
N ALA A 256 1.97 1.64 -12.76
CA ALA A 256 0.86 2.50 -12.53
C ALA A 256 0.26 2.91 -13.86
N CYS A 257 1.10 3.14 -14.86
CA CYS A 257 0.56 3.55 -16.17
C CYS A 257 -0.26 2.40 -16.76
N GLU A 258 0.09 1.18 -16.37
CA GLU A 258 -0.58 -0.01 -16.86
C GLU A 258 -1.88 -0.19 -16.10
N MSE A 259 -1.80 0.01 -14.79
CA MSE A 259 -2.96 0.05 -13.92
C MSE A 259 -4.09 0.95 -14.49
O MSE A 259 -5.26 0.65 -14.32
CB MSE A 259 -2.55 0.56 -12.52
CG MSE A 259 -3.43 0.04 -11.39
SE MSE A 259 -3.00 -1.86 -11.15
CE MSE A 259 -1.91 -1.76 -9.56
N LEU A 260 -3.72 2.03 -15.17
CA LEU A 260 -4.72 3.00 -15.57
C LEU A 260 -5.04 2.94 -17.06
N LEU A 261 -4.39 2.01 -17.75
CA LEU A 261 -4.53 1.83 -19.18
C LEU A 261 -4.22 3.08 -19.95
N LEU A 262 -3.29 3.87 -19.41
CA LEU A 262 -2.67 4.95 -20.16
C LEU A 262 -1.36 4.47 -20.78
N LYS A 263 -0.98 5.08 -21.88
CA LYS A 263 0.28 4.73 -22.52
C LYS A 263 1.35 5.74 -22.12
N CYS A 264 2.44 5.24 -21.55
CA CYS A 264 3.54 6.11 -21.15
C CYS A 264 4.79 5.72 -21.85
N GLU A 265 5.58 6.70 -22.19
CA GLU A 265 6.79 6.49 -22.90
C GLU A 265 7.89 7.16 -22.13
N LEU A 266 8.92 6.42 -21.77
CA LEU A 266 10.09 6.98 -21.11
C LEU A 266 10.96 7.68 -22.13
N VAL A 267 11.35 8.90 -21.86
CA VAL A 267 12.26 9.61 -22.78
C VAL A 267 13.53 10.16 -22.11
N SER A 268 14.64 10.15 -22.84
CA SER A 268 15.93 10.62 -22.33
C SER A 268 16.70 11.36 -23.41
N ASN A 269 17.72 12.15 -23.02
CA ASN A 269 18.86 12.50 -23.89
C ASN A 269 20.29 12.22 -23.43
N GLY A 270 20.94 13.21 -22.82
CA GLY A 270 22.12 13.08 -21.96
C GLY A 270 22.22 13.95 -20.72
N GLN A 271 22.01 15.24 -20.89
CA GLN A 271 21.69 16.13 -19.78
C GLN A 271 22.80 16.12 -18.71
N GLU A 272 22.49 16.16 -17.41
CA GLU A 272 21.30 16.71 -16.76
C GLU A 272 21.83 17.48 -15.56
N THR A 273 22.88 16.94 -14.96
CA THR A 273 23.63 17.55 -13.89
C THR A 273 23.66 19.08 -13.97
N TRP A 274 23.50 19.59 -15.18
CA TRP A 274 23.33 21.01 -15.37
C TRP A 274 22.16 21.30 -16.28
N GLU A 275 21.52 20.24 -16.74
CA GLU A 275 20.38 20.35 -17.61
C GLU A 275 19.13 19.75 -16.99
N SER A 276 18.59 20.42 -16.00
CA SER A 276 17.55 19.85 -15.14
C SER A 276 16.28 19.41 -15.87
N MSE A 277 15.79 18.26 -15.42
CA MSE A 277 14.61 17.65 -16.01
C MSE A 277 13.38 18.34 -15.46
O MSE A 277 12.30 18.32 -16.07
CB MSE A 277 14.57 16.16 -15.73
CG MSE A 277 15.60 15.38 -16.49
SE MSE A 277 15.91 13.58 -15.78
CE MSE A 277 16.91 12.90 -17.34
N PHE A 278 13.59 18.95 -14.34
CA PHE A 278 12.54 19.71 -13.71
C PHE A 278 12.23 20.92 -14.58
N ASP A 279 13.26 21.48 -15.19
CA ASP A 279 13.05 22.53 -16.18
C ASP A 279 12.17 21.97 -17.30
N ASP A 280 12.42 20.73 -17.72
CA ASP A 280 11.59 20.10 -18.76
C ASP A 280 10.13 19.97 -18.29
N LEU A 281 9.99 19.72 -16.99
CA LEU A 281 8.67 19.63 -16.37
C LEU A 281 8.01 21.02 -16.28
N GLN A 282 8.78 22.04 -15.92
CA GLN A 282 8.20 23.38 -15.88
C GLN A 282 7.97 23.88 -17.29
N ASP A 283 8.78 23.46 -18.26
CA ASP A 283 8.55 23.76 -19.68
C ASP A 283 7.24 23.20 -20.21
N LYS A 284 6.69 22.20 -19.53
CA LYS A 284 5.60 21.36 -20.06
C LYS A 284 6.08 20.56 -21.29
N SER A 285 7.39 20.34 -21.40
CA SER A 285 7.92 19.60 -22.57
C SER A 285 7.85 18.09 -22.31
N ILE A 286 7.72 17.71 -21.03
CA ILE A 286 7.36 16.36 -20.61
C ILE A 286 6.17 16.46 -19.67
N ASP A 287 5.46 15.36 -19.45
CA ASP A 287 4.29 15.34 -18.56
C ASP A 287 4.59 14.80 -17.14
N ILE A 288 5.49 13.83 -17.04
CA ILE A 288 5.72 13.16 -15.77
C ILE A 288 7.19 13.10 -15.43
N LEU A 289 7.52 13.31 -14.17
CA LEU A 289 8.92 13.23 -13.79
C LEU A 289 9.01 12.52 -12.44
N ALA A 290 9.92 11.56 -12.36
CA ALA A 290 10.12 10.84 -11.12
C ALA A 290 11.52 10.25 -11.15
N PRO A 291 12.13 10.10 -9.98
CA PRO A 291 11.60 10.50 -8.67
C PRO A 291 11.69 12.01 -8.47
N ILE A 292 10.93 12.54 -7.52
CA ILE A 292 11.16 13.92 -7.11
C ILE A 292 10.84 14.06 -5.63
N THR A 293 11.80 14.55 -4.84
CA THR A 293 11.73 14.32 -3.41
C THR A 293 10.85 15.30 -2.64
N VAL A 294 9.93 15.97 -3.34
CA VAL A 294 8.98 16.93 -2.76
C VAL A 294 9.59 17.74 -1.62
N SER A 295 10.43 18.69 -2.02
CA SER A 295 10.97 19.68 -1.10
C SER A 295 9.86 20.67 -0.77
N GLN A 296 10.26 21.82 -0.24
CA GLN A 296 9.36 22.96 -0.17
C GLN A 296 9.57 23.79 -1.43
N GLN A 297 10.84 23.94 -1.80
CA GLN A 297 11.24 24.68 -2.99
C GLN A 297 10.43 24.22 -4.19
N ARG A 298 10.23 22.90 -4.31
CA ARG A 298 9.61 22.33 -5.49
C ARG A 298 8.10 22.12 -5.35
N LYS A 299 7.60 22.21 -4.12
CA LYS A 299 6.24 21.79 -3.77
C LYS A 299 5.14 22.43 -4.62
N ASN A 300 5.41 23.62 -5.14
CA ASN A 300 4.43 24.41 -5.84
C ASN A 300 4.65 24.47 -7.35
N LEU A 301 5.74 23.89 -7.84
CA LEU A 301 6.08 24.00 -9.26
C LEU A 301 5.60 22.80 -10.07
N ALA A 302 5.05 21.82 -9.37
CA ALA A 302 4.45 20.66 -10.02
C ALA A 302 3.37 20.06 -9.14
N TYR A 303 2.52 19.23 -9.74
CA TYR A 303 1.52 18.47 -9.00
C TYR A 303 2.16 17.15 -8.61
N PHE A 304 1.77 16.61 -7.46
CA PHE A 304 2.47 15.45 -6.91
C PHE A 304 1.56 14.29 -6.54
N SER A 305 1.91 13.08 -6.96
CA SER A 305 1.22 11.88 -6.48
C SER A 305 1.56 11.74 -5.03
N GLU A 306 0.84 10.88 -4.31
CA GLU A 306 1.21 10.47 -2.95
C GLU A 306 2.58 9.85 -3.02
N SER A 307 3.29 9.80 -1.89
CA SER A 307 4.64 9.22 -1.86
C SER A 307 4.61 7.72 -2.17
N TYR A 308 5.71 7.17 -2.65
CA TYR A 308 5.79 5.73 -2.91
C TYR A 308 7.09 5.13 -2.36
N TYR A 309 7.92 6.00 -1.79
CA TYR A 309 9.15 5.56 -1.17
C TYR A 309 9.57 6.58 -0.12
N HIS A 310 10.29 6.12 0.90
CA HIS A 310 10.73 7.04 1.95
C HIS A 310 12.18 6.87 2.30
N PRO A 311 13.04 7.61 1.59
CA PRO A 311 14.50 7.54 1.71
C PRO A 311 14.95 7.91 3.10
N GLN A 312 16.08 7.31 3.48
CA GLN A 312 16.72 7.53 4.77
C GLN A 312 17.94 8.46 4.66
N ALA A 313 17.81 9.70 5.12
CA ALA A 313 18.96 10.61 5.05
C ALA A 313 20.00 10.21 6.09
N ILE A 314 21.23 10.04 5.64
CA ILE A 314 22.30 9.76 6.58
C ILE A 314 23.52 10.65 6.36
N LEU A 315 24.46 10.59 7.29
CA LEU A 315 25.69 11.33 7.07
C LEU A 315 26.80 10.39 6.62
N VAL A 316 27.51 10.81 5.59
CA VAL A 316 28.67 10.08 5.15
C VAL A 316 29.90 10.80 5.68
N LYS A 317 30.80 10.04 6.31
CA LYS A 317 32.01 10.58 6.91
C LYS A 317 33.24 9.81 6.47
N ARG A 318 34.40 10.46 6.53
CA ARG A 318 35.68 9.78 6.35
C ARG A 318 35.74 8.65 7.37
N GLU A 319 36.16 7.47 6.91
CA GLU A 319 36.26 6.28 7.75
C GLU A 319 37.14 6.54 8.98
N HIS A 320 36.81 5.94 10.13
CA HIS A 320 37.65 6.00 11.33
C HIS A 320 37.67 7.38 12.01
N TYR A 321 36.97 8.33 11.42
CA TYR A 321 36.86 9.70 11.89
C TYR A 321 35.74 9.94 12.91
N LYS A 322 36.12 10.26 14.14
CA LYS A 322 35.20 10.72 15.18
C LYS A 322 34.01 9.81 15.49
N ASP A 323 34.23 8.50 15.40
CA ASP A 323 33.17 7.55 15.70
C ASP A 323 32.56 7.73 17.10
N ASP A 324 31.23 7.76 17.13
CA ASP A 324 30.45 7.81 18.37
C ASP A 324 30.72 9.05 19.20
N VAL A 325 31.18 10.10 18.54
CA VAL A 325 31.32 11.39 19.19
C VAL A 325 29.96 12.07 19.21
N TYR A 326 29.20 11.84 18.14
CA TYR A 326 27.89 12.47 17.97
C TYR A 326 26.80 11.43 17.77
N SER A 327 25.67 11.64 18.41
CA SER A 327 24.61 10.66 18.35
C SER A 327 23.43 11.16 17.53
N ASN A 328 23.31 12.48 17.36
CA ASN A 328 22.42 13.02 16.31
C ASN A 328 22.88 14.36 15.69
N VAL A 329 22.33 14.68 14.52
CA VAL A 329 22.93 15.68 13.62
C VAL A 329 22.94 17.10 14.18
N SER A 330 22.08 17.39 15.16
CA SER A 330 22.13 18.68 15.86
C SER A 330 23.46 18.95 16.57
N GLU A 331 24.19 17.88 16.85
CA GLU A 331 25.47 18.03 17.51
C GLU A 331 26.62 18.25 16.50
N LEU A 332 26.27 18.55 15.23
CA LEU A 332 27.30 18.84 14.20
C LEU A 332 27.50 20.33 13.97
N VAL A 333 27.19 21.10 15.01
CA VAL A 333 27.11 22.54 14.98
C VAL A 333 28.41 23.20 14.51
N ALA A 334 29.50 22.46 14.64
CA ALA A 334 30.81 23.00 14.30
C ALA A 334 31.59 22.07 13.38
N GLU A 335 30.93 21.04 12.86
CA GLU A 335 31.54 20.21 11.83
C GLU A 335 31.23 20.77 10.44
N ARG A 336 32.12 20.50 9.49
CA ARG A 336 31.93 20.96 8.12
C ARG A 336 31.02 19.99 7.37
N ILE A 337 29.83 20.45 6.99
CA ILE A 337 28.93 19.57 6.28
C ILE A 337 28.82 19.99 4.84
N GLY A 338 29.02 19.04 3.94
CA GLY A 338 28.93 19.34 2.54
C GLY A 338 27.61 18.93 1.94
N VAL A 339 26.96 19.87 1.26
CA VAL A 339 25.77 19.58 0.46
C VAL A 339 25.97 20.09 -0.96
N ILE A 340 25.06 19.68 -1.85
CA ILE A 340 24.97 20.21 -3.21
C ILE A 340 24.03 21.43 -3.25
N LYS A 341 24.45 22.47 -3.96
CA LYS A 341 23.64 23.70 -4.05
C LYS A 341 22.26 23.44 -4.67
N ASP A 342 21.23 24.04 -4.07
CA ASP A 342 19.83 23.85 -4.45
C ASP A 342 19.31 22.42 -4.27
N ASP A 343 20.15 21.52 -3.77
CA ASP A 343 19.71 20.14 -3.56
C ASP A 343 18.72 20.13 -2.38
N PHE A 344 17.86 19.11 -2.35
CA PHE A 344 16.98 18.92 -1.23
C PHE A 344 17.69 18.83 0.14
N PHE A 345 18.88 18.25 0.21
CA PHE A 345 19.53 18.09 1.52
C PHE A 345 19.97 19.45 2.02
N GLU A 346 20.25 20.39 1.12
CA GLU A 346 20.67 21.71 1.56
C GLU A 346 19.51 22.38 2.28
N GLU A 347 18.34 22.24 1.68
CA GLU A 347 17.16 22.78 2.30
C GLU A 347 16.95 22.12 3.65
N LEU A 348 17.06 20.80 3.69
CA LEU A 348 16.79 20.05 4.91
C LEU A 348 17.64 20.58 6.07
N LEU A 349 18.93 20.76 5.80
CA LEU A 349 19.82 21.16 6.86
C LEU A 349 19.53 22.59 7.25
N GLN A 350 19.13 23.41 6.28
CA GLN A 350 18.81 24.79 6.60
C GLN A 350 17.61 24.88 7.56
N GLN A 351 16.67 23.93 7.49
CA GLN A 351 15.61 23.85 8.50
C GLN A 351 16.29 23.29 9.74
N MSE A 352 16.79 22.06 9.66
CA MSE A 352 17.34 21.36 10.82
C MSE A 352 18.51 22.07 11.54
O MSE A 352 18.53 22.09 12.77
CB MSE A 352 17.78 19.98 10.35
CG MSE A 352 16.57 19.08 10.15
SE MSE A 352 17.00 17.25 9.80
CE MSE A 352 17.09 16.65 11.65
N LEU A 353 19.44 22.70 10.82
CA LEU A 353 20.54 23.43 11.49
C LEU A 353 20.57 24.90 11.07
N PRO A 354 19.61 25.68 11.59
CA PRO A 354 19.34 27.05 11.13
C PRO A 354 20.55 27.97 11.20
N ASN A 355 20.71 28.82 10.19
CA ASN A 355 21.74 29.87 10.19
C ASN A 355 23.18 29.35 10.26
N LYS A 356 23.33 28.05 10.03
CA LYS A 356 24.63 27.38 10.07
C LYS A 356 25.24 27.39 8.68
N ILE A 357 26.57 27.53 8.61
CA ILE A 357 27.22 27.44 7.31
C ILE A 357 27.25 26.00 6.83
N LEU A 358 26.62 25.78 5.67
CA LEU A 358 26.79 24.57 4.92
C LEU A 358 27.75 24.90 3.79
N PHE A 359 28.52 23.92 3.32
CA PHE A 359 29.38 24.09 2.16
C PHE A 359 28.63 23.52 0.96
N SER A 360 28.49 24.31 -0.10
CA SER A 360 27.69 23.87 -1.24
C SER A 360 28.55 23.44 -2.42
N TYR A 361 28.04 22.48 -3.17
CA TYR A 361 28.74 21.98 -4.32
C TYR A 361 27.78 21.83 -5.47
N ALA A 362 28.36 21.59 -6.63
CA ALA A 362 27.63 21.54 -7.88
C ALA A 362 27.10 20.13 -8.12
N SER A 363 27.77 19.16 -7.53
CA SER A 363 27.45 17.76 -7.80
C SER A 363 27.80 16.83 -6.65
N GLN A 364 27.27 15.62 -6.74
CA GLN A 364 27.57 14.54 -5.82
C GLN A 364 29.06 14.21 -5.90
N GLU A 365 29.51 13.95 -7.12
CA GLU A 365 30.93 13.75 -7.46
C GLU A 365 31.90 14.70 -6.75
N GLU A 366 31.59 15.98 -6.85
CA GLU A 366 32.39 17.04 -6.25
C GLU A 366 32.21 17.03 -4.72
N LYS A 367 30.97 16.78 -4.29
CA LYS A 367 30.62 16.65 -2.88
C LYS A 367 31.47 15.55 -2.25
N VAL A 368 31.40 14.36 -2.83
CA VAL A 368 32.23 13.25 -2.37
C VAL A 368 33.72 13.59 -2.35
N GLN A 369 34.26 14.07 -3.47
CA GLN A 369 35.70 14.32 -3.54
C GLN A 369 36.15 15.32 -2.46
N ALA A 370 35.24 16.21 -2.09
CA ALA A 370 35.49 17.15 -1.01
C ALA A 370 35.69 16.44 0.32
N LEU A 371 34.87 15.41 0.57
CA LEU A 371 34.98 14.63 1.79
C LEU A 371 36.32 13.90 1.82
N LEU A 372 36.68 13.32 0.68
CA LEU A 372 37.94 12.61 0.50
C LEU A 372 39.15 13.53 0.66
N ASN A 373 39.04 14.75 0.11
CA ASN A 373 40.15 15.70 0.22
C ASN A 373 40.23 16.40 1.58
N LYS A 374 39.40 15.97 2.54
CA LYS A 374 39.28 16.61 3.87
C LYS A 374 38.91 18.11 3.79
N GLU A 375 38.41 18.53 2.63
CA GLU A 375 37.80 19.83 2.45
C GLU A 375 36.63 19.99 3.41
N VAL A 376 35.98 18.86 3.68
CA VAL A 376 34.78 18.76 4.48
C VAL A 376 34.82 17.43 5.28
N ASP A 377 34.00 17.32 6.31
CA ASP A 377 34.09 16.18 7.22
C ASP A 377 32.89 15.24 7.21
N TYR A 378 31.72 15.77 6.87
CA TYR A 378 30.46 15.01 6.77
C TYR A 378 29.66 15.51 5.57
N ILE A 379 29.15 14.59 4.76
CA ILE A 379 28.30 14.97 3.64
C ILE A 379 27.00 14.20 3.73
N VAL A 380 25.92 14.77 3.19
CA VAL A 380 24.61 14.17 3.33
C VAL A 380 24.25 13.28 2.16
N LEU A 381 24.06 12.01 2.44
CA LEU A 381 23.52 11.13 1.42
C LEU A 381 22.32 10.37 1.93
N ASN A 382 21.54 9.91 0.96
CA ASN A 382 20.46 8.97 1.18
C ASN A 382 21.05 7.58 1.18
N ARG A 383 20.61 6.77 2.13
CA ARG A 383 21.19 5.43 2.39
C ARG A 383 21.32 4.54 1.16
N ALA A 384 20.19 4.31 0.49
CA ALA A 384 20.18 3.41 -0.65
C ALA A 384 21.21 3.88 -1.69
N ASN A 385 21.27 5.19 -1.92
CA ASN A 385 22.22 5.76 -2.89
C ASN A 385 23.65 5.60 -2.46
N PHE A 386 23.88 5.54 -1.15
CA PHE A 386 25.22 5.43 -0.62
C PHE A 386 25.72 4.00 -0.75
N ASN A 387 24.82 3.04 -0.57
CA ASN A 387 25.18 1.64 -0.79
C ASN A 387 25.55 1.41 -2.23
N LEU A 388 24.81 2.06 -3.12
CA LEU A 388 25.09 1.97 -4.55
C LEU A 388 26.51 2.36 -4.89
N LEU A 389 26.93 3.52 -4.39
CA LEU A 389 28.25 4.05 -4.72
C LEU A 389 29.37 3.09 -4.32
N LEU A 390 29.24 2.44 -3.16
CA LEU A 390 30.26 1.51 -2.67
C LEU A 390 30.44 0.32 -3.62
N ARG A 391 29.32 -0.21 -4.09
CA ARG A 391 29.36 -1.35 -4.99
C ARG A 391 30.05 -0.96 -6.31
N GLU A 392 29.60 0.15 -6.92
CA GLU A 392 30.25 0.64 -8.14
C GLU A 392 30.90 2.01 -7.93
N PRO A 398 36.04 3.01 1.35
CA PRO A 398 37.05 3.96 1.79
C PRO A 398 36.47 5.00 2.68
N ILE A 399 35.17 4.89 2.93
CA ILE A 399 34.45 5.78 3.79
C ILE A 399 33.25 5.05 4.23
N VAL A 400 32.47 5.67 5.08
CA VAL A 400 31.25 5.04 5.53
C VAL A 400 30.24 5.95 6.20
N GLU A 401 29.26 5.32 6.82
CA GLU A 401 28.20 6.01 7.48
C GLU A 401 28.40 6.08 8.97
N ASP A 402 27.86 7.10 9.56
CA ASP A 402 27.93 7.24 10.96
C ASP A 402 26.73 6.58 11.59
N THR A 403 26.72 5.25 11.64
CA THR A 403 25.66 4.58 12.36
C THR A 403 25.17 5.31 13.61
N MSE A 404 26.01 6.07 14.26
CA MSE A 404 25.58 6.60 15.53
C MSE A 404 24.47 7.55 15.24
O MSE A 404 23.41 7.47 15.81
CB MSE A 404 26.74 7.32 16.23
CG MSE A 404 26.39 7.79 17.64
SE MSE A 404 26.92 6.59 19.03
CE MSE A 404 25.42 5.35 18.92
N ILE A 405 24.72 8.48 14.35
CA ILE A 405 23.70 9.42 14.06
C ILE A 405 22.64 8.62 13.38
N GLY A 406 23.06 7.74 12.49
CA GLY A 406 22.12 7.01 11.68
C GLY A 406 21.19 7.88 10.87
N SER A 407 20.08 7.29 10.50
CA SER A 407 19.04 7.96 9.75
C SER A 407 18.56 9.10 10.59
N PHE A 408 18.99 10.30 10.23
CA PHE A 408 18.60 11.48 10.96
C PHE A 408 17.34 12.09 10.39
N TYR A 409 16.85 11.53 9.27
CA TYR A 409 15.59 11.99 8.65
C TYR A 409 15.00 11.03 7.61
N GLN A 410 13.68 10.90 7.64
CA GLN A 410 12.97 10.16 6.60
C GLN A 410 12.10 11.12 5.77
N TYR A 411 12.36 11.19 4.46
CA TYR A 411 11.57 12.07 3.60
C TYR A 411 10.80 11.30 2.52
N ASP A 412 10.21 12.03 1.57
CA ASP A 412 9.26 11.42 0.64
C ASP A 412 9.67 11.50 -0.83
N ILE A 413 9.42 10.42 -1.54
CA ILE A 413 9.60 10.43 -2.98
C ILE A 413 8.22 10.24 -3.61
N ALA A 414 7.90 11.10 -4.58
CA ALA A 414 6.63 11.05 -5.34
C ALA A 414 6.89 11.15 -6.82
N ILE A 415 5.80 11.00 -7.59
CA ILE A 415 5.80 11.36 -9.01
C ILE A 415 5.33 12.80 -9.14
N GLY A 416 6.03 13.56 -9.97
CA GLY A 416 5.67 14.95 -10.23
C GLY A 416 4.99 15.04 -11.57
N PHE A 417 4.01 15.94 -11.70
CA PHE A 417 3.28 16.07 -12.97
C PHE A 417 3.28 17.52 -13.33
N ALA A 418 3.33 17.80 -14.63
CA ALA A 418 3.41 19.15 -15.12
C ALA A 418 2.20 19.92 -14.63
N LYS A 419 2.43 21.18 -14.30
CA LYS A 419 1.38 22.06 -13.80
C LYS A 419 0.42 22.52 -14.90
N ASN A 420 -0.42 21.63 -15.38
CA ASN A 420 -1.49 22.03 -16.29
C ASN A 420 -2.69 21.15 -16.00
N PRO A 421 -3.85 21.38 -16.67
CA PRO A 421 -5.05 20.61 -16.37
C PRO A 421 -4.87 19.09 -16.43
N LEU A 422 -4.26 18.59 -17.51
CA LEU A 422 -3.97 17.16 -17.60
C LEU A 422 -3.23 16.64 -16.35
N GLY A 423 -2.22 17.36 -15.90
CA GLY A 423 -1.43 16.91 -14.76
C GLY A 423 -2.23 16.95 -13.48
N ALA A 424 -3.10 17.95 -13.35
CA ALA A 424 -4.03 18.05 -12.24
C ALA A 424 -4.95 16.82 -12.17
N THR A 425 -5.28 16.23 -13.31
CA THR A 425 -6.16 15.08 -13.32
C THR A 425 -5.33 13.83 -13.14
N LEU A 426 -4.13 13.83 -13.72
CA LEU A 426 -3.31 12.63 -13.66
C LEU A 426 -2.91 12.32 -12.21
N ALA A 427 -2.40 13.31 -11.50
CA ALA A 427 -1.77 13.08 -10.19
C ALA A 427 -2.65 12.32 -9.17
N PRO A 428 -3.92 12.71 -8.97
CA PRO A 428 -4.77 11.92 -8.04
C PRO A 428 -5.02 10.52 -8.53
N LEU A 429 -5.17 10.35 -9.85
CA LEU A 429 -5.33 9.03 -10.43
C LEU A 429 -4.10 8.18 -10.18
N PHE A 430 -2.91 8.77 -10.37
CA PHE A 430 -1.69 8.01 -10.15
C PHE A 430 -1.57 7.62 -8.67
N SER A 431 -2.05 8.47 -7.75
CA SER A 431 -2.05 8.07 -6.35
C SER A 431 -2.79 6.74 -6.12
N ARG A 432 -4.00 6.60 -6.67
CA ARG A 432 -4.73 5.34 -6.57
C ARG A 432 -3.97 4.20 -7.21
N ALA A 433 -3.44 4.39 -8.41
CA ALA A 433 -2.76 3.27 -9.08
C ALA A 433 -1.60 2.77 -8.21
N ILE A 434 -0.88 3.70 -7.60
CA ILE A 434 0.21 3.38 -6.69
C ILE A 434 -0.27 2.61 -5.45
N LYS A 435 -1.39 3.04 -4.83
CA LYS A 435 -1.95 2.30 -3.69
C LYS A 435 -2.17 0.84 -4.01
N MSE A 436 -2.87 0.57 -5.11
CA MSE A 436 -3.16 -0.78 -5.53
C MSE A 436 -1.92 -1.53 -5.90
O MSE A 436 -2.03 -2.75 -6.15
CB MSE A 436 -4.10 -0.73 -6.74
CG MSE A 436 -5.54 -0.55 -6.29
SE MSE A 436 -6.71 -0.48 -7.88
CE MSE A 436 -7.39 1.35 -7.64
N LEU A 437 -0.76 -0.88 -5.96
CA LEU A 437 0.42 -1.64 -6.33
C LEU A 437 1.04 -2.33 -5.15
N ASN A 438 1.87 -3.33 -5.44
CA ASN A 438 2.72 -3.95 -4.45
C ASN A 438 4.10 -3.35 -4.54
N THR A 439 4.25 -2.28 -3.79
CA THR A 439 5.44 -1.45 -3.83
C THR A 439 6.55 -2.12 -3.11
N GLU A 440 6.23 -2.69 -1.98
CA GLU A 440 7.19 -3.42 -1.22
C GLU A 440 7.92 -4.41 -2.08
N GLN A 441 7.22 -5.17 -2.90
CA GLN A 441 7.90 -6.12 -3.78
C GLN A 441 8.91 -5.46 -4.73
N ILE A 442 8.56 -4.32 -5.27
CA ILE A 442 9.40 -3.64 -6.22
C ILE A 442 10.63 -3.14 -5.49
N ILE A 443 10.39 -2.59 -4.32
CA ILE A 443 11.48 -2.03 -3.59
C ILE A 443 12.43 -3.12 -3.28
N HIS A 444 11.91 -4.24 -2.81
CA HIS A 444 12.81 -5.29 -2.45
C HIS A 444 13.68 -5.55 -3.62
N THR A 445 13.05 -5.92 -4.73
CA THR A 445 13.72 -6.31 -5.96
C THR A 445 14.96 -5.54 -6.22
N TYR A 446 15.03 -4.34 -5.67
CA TYR A 446 16.11 -3.44 -5.97
C TYR A 446 16.96 -3.08 -4.75
N ARG B . -13.14 -13.39 9.49
CA ARG B . -13.67 -12.36 10.36
C ARG B . -14.52 -12.98 11.47
O ARG B . -14.70 -12.40 12.54
CB ARG B . -14.49 -11.35 9.57
CG ARG B . -15.73 -11.93 8.92
CD ARG B . -16.25 -10.94 7.91
NE ARG B . -17.50 -11.36 7.31
CZ ARG B . -17.59 -12.31 6.39
NH1 ARG B . -16.50 -12.97 5.98
NH2 ARG B . -18.78 -12.63 5.91
OXT ARG B . -15.05 -14.08 11.32
#